data_4X7L
#
_entry.id   4X7L
#
_cell.length_a   82.045
_cell.length_b   82.045
_cell.length_c   128.371
_cell.angle_alpha   90.000
_cell.angle_beta   90.000
_cell.angle_gamma   90.000
#
_symmetry.space_group_name_H-M   'P 41 21 2'
#
loop_
_entity.id
_entity.type
_entity.pdbx_description
1 polymer 'Eukaryotic translation initiation factor 2-alpha kinase 3,Eukaryotic translation initiation factor 2-alpha kinase 3'
2 non-polymer 4-{2-amino-4-methyl-3-[2-(methylamino)-1,3-benzothiazol-6-yl]benzoyl}-1-methyl-2,5-diphenyl-1,2-dihydro-3H-pyrazol-3-one
3 non-polymer 'L(+)-TARTARIC ACID'
4 non-polymer GLYCEROL
5 water water
#
_entity_poly.entity_id   1
_entity_poly.type   'polypeptide(L)'
_entity_poly.pdbx_seq_one_letter_code
;GSSSWNDIKNSGYISRYLTDFEPIQCLGRGGFGVVFEAKNKVDDCNYAIKRIRLPNRELAREKVMREVKALAKLEHPGIV
RYFNAWLEAPPEKWQEKLQPSSPKVYLYIQMQLCRKENLKDWMNGRCTIEERERSVCLHIFLQIAEAVEFLHSKGLMHRN
LKPSNIFFTMDDVVKVGDFGLVTAMDQDEEEQTVLTPMPAYARHTGQVGTKLYMSPEQIHGNSYSHKVDIFSLGLILFEL
LYPFSTQMERVRTLTDVRNLKFPPLFTQKYPCEYVMVQDMLSPSPMERPEAINIIENAVFEDLDFPGKTVLRQRSRS
;
_entity_poly.pdbx_strand_id   A
#
# COMPACT_ATOMS: atom_id res chain seq x y z
N TYR A 13 -3.62 -13.30 35.17
CA TYR A 13 -4.21 -13.13 33.82
C TYR A 13 -3.35 -13.79 32.74
N ILE A 14 -3.98 -14.58 31.87
CA ILE A 14 -3.28 -15.26 30.78
C ILE A 14 -3.39 -14.46 29.46
N SER A 15 -2.23 -14.05 28.94
CA SER A 15 -2.18 -13.36 27.65
C SER A 15 -2.09 -14.38 26.52
N ARG A 16 -3.09 -14.36 25.64
CA ARG A 16 -3.10 -15.18 24.44
C ARG A 16 -1.80 -15.00 23.64
N TYR A 17 -1.40 -13.75 23.44
CA TYR A 17 -0.21 -13.43 22.68
C TYR A 17 1.06 -14.02 23.29
N LEU A 18 1.22 -13.85 24.60
CA LEU A 18 2.41 -14.37 25.28
C LEU A 18 2.40 -15.91 25.41
N THR A 19 1.21 -16.50 25.43
CA THR A 19 1.09 -17.96 25.56
C THR A 19 1.37 -18.67 24.24
N ASP A 20 0.87 -18.11 23.15
CA ASP A 20 0.90 -18.76 21.85
C ASP A 20 2.10 -18.41 20.97
N PHE A 21 2.76 -17.31 21.28
CA PHE A 21 3.83 -16.79 20.41
C PHE A 21 5.15 -16.53 21.14
N GLU A 22 6.24 -16.76 20.43
CA GLU A 22 7.56 -16.33 20.86
C GLU A 22 7.91 -15.03 20.12
N PRO A 23 7.96 -13.91 20.85
CA PRO A 23 8.25 -12.63 20.19
C PRO A 23 9.67 -12.61 19.63
N ILE A 24 9.83 -12.04 18.44
CA ILE A 24 11.14 -12.00 17.78
C ILE A 24 11.72 -10.58 17.81
N GLN A 25 10.95 -9.62 17.30
CA GLN A 25 11.39 -8.22 17.27
C GLN A 25 10.20 -7.28 17.09
N CYS A 26 10.40 -6.01 17.41
CA CYS A 26 9.45 -4.98 17.07
C CYS A 26 9.76 -4.53 15.65
N LEU A 27 8.74 -4.50 14.81
CA LEU A 27 8.90 -4.09 13.41
C LEU A 27 8.59 -2.62 13.19
N GLY A 28 7.82 -2.03 14.10
CA GLY A 28 7.49 -0.61 14.02
C GLY A 28 6.23 -0.21 14.77
N ARG A 29 5.83 1.05 14.63
CA ARG A 29 4.65 1.59 15.31
C ARG A 29 3.99 2.73 14.52
N GLY A 30 2.69 2.93 14.76
CA GLY A 30 1.94 4.00 14.10
C GLY A 30 0.47 4.04 14.47
N GLY A 31 -0.06 5.25 14.68
CA GLY A 31 -1.46 5.45 15.04
C GLY A 31 -1.80 4.80 16.39
N PHE A 32 -2.80 3.91 16.37
CA PHE A 32 -3.17 3.17 17.58
C PHE A 32 -2.32 1.91 17.76
N GLY A 33 -1.42 1.63 16.80
CA GLY A 33 -0.75 0.32 16.72
C GLY A 33 0.73 0.22 17.00
N VAL A 34 1.17 -0.99 17.35
CA VAL A 34 2.58 -1.39 17.37
C VAL A 34 2.66 -2.75 16.65
N VAL A 35 3.69 -2.97 15.83
CA VAL A 35 3.80 -4.22 15.04
C VAL A 35 5.02 -5.04 15.44
N PHE A 36 4.79 -6.33 15.69
CA PHE A 36 5.84 -7.26 16.10
C PHE A 36 6.00 -8.38 15.08
N GLU A 37 7.20 -8.93 14.98
CA GLU A 37 7.38 -10.25 14.40
C GLU A 37 7.35 -11.26 15.54
N ALA A 38 6.57 -12.32 15.39
CA ALA A 38 6.49 -13.34 16.43
C ALA A 38 6.26 -14.72 15.84
N LYS A 39 6.83 -15.74 16.47
CA LYS A 39 6.69 -17.11 15.99
C LYS A 39 5.59 -17.81 16.75
N ASN A 40 4.62 -18.36 16.01
CA ASN A 40 3.59 -19.20 16.63
C ASN A 40 4.23 -20.52 17.09
N LYS A 41 4.04 -20.84 18.37
CA LYS A 41 4.67 -22.02 18.96
C LYS A 41 4.20 -23.33 18.35
N VAL A 42 2.90 -23.41 18.05
CA VAL A 42 2.29 -24.66 17.55
C VAL A 42 2.65 -24.89 16.07
N ASP A 43 2.48 -23.87 15.23
CA ASP A 43 2.69 -24.06 13.79
C ASP A 43 4.10 -23.76 13.29
N ASP A 44 4.93 -23.16 14.18
CA ASP A 44 6.36 -22.89 13.91
C ASP A 44 6.62 -21.82 12.82
N CYS A 45 5.59 -21.05 12.46
CA CYS A 45 5.72 -19.99 11.45
C CYS A 45 5.86 -18.62 12.11
N ASN A 46 6.56 -17.72 11.43
CA ASN A 46 6.71 -16.34 11.89
C ASN A 46 5.68 -15.44 11.22
N TYR A 47 5.03 -14.60 12.02
CA TYR A 47 3.97 -13.73 11.54
C TYR A 47 4.25 -12.29 11.90
N ALA A 48 3.57 -11.38 11.21
CA ALA A 48 3.53 -10.00 11.66
C ALA A 48 2.27 -9.87 12.50
N ILE A 49 2.43 -9.30 13.70
CA ILE A 49 1.32 -9.13 14.63
C ILE A 49 1.18 -7.67 15.03
N LYS A 50 0.04 -7.09 14.69
CA LYS A 50 -0.24 -5.69 15.03
C LYS A 50 -1.08 -5.66 16.29
N ARG A 51 -0.62 -4.91 17.27
CA ARG A 51 -1.36 -4.71 18.51
C ARG A 51 -1.90 -3.28 18.53
N ILE A 52 -3.23 -3.17 18.47
CA ILE A 52 -3.90 -1.88 18.43
C ILE A 52 -4.50 -1.59 19.80
N ARG A 53 -4.08 -0.49 20.43
CA ARG A 53 -4.75 -0.07 21.65
C ARG A 53 -6.07 0.57 21.26
N LEU A 54 -7.19 -0.05 21.66
CA LEU A 54 -8.51 0.51 21.37
C LEU A 54 -8.65 1.90 21.99
N PRO A 55 -9.04 2.90 21.18
CA PRO A 55 -9.17 4.28 21.65
C PRO A 55 -10.30 4.50 22.67
N ASN A 56 -10.20 5.56 23.46
CA ASN A 56 -11.26 5.99 24.39
C ASN A 56 -12.31 6.87 23.70
N ARG A 57 -12.68 6.49 22.48
CA ARG A 57 -13.65 7.23 21.69
C ARG A 57 -14.53 6.15 21.06
N GLU A 58 -15.82 6.13 21.38
CA GLU A 58 -16.67 5.02 20.91
C GLU A 58 -16.81 4.97 19.38
N LEU A 59 -16.75 6.11 18.71
CA LEU A 59 -16.92 6.13 17.25
C LEU A 59 -15.68 5.63 16.54
N ALA A 60 -14.51 5.96 17.10
CA ALA A 60 -13.24 5.41 16.63
C ALA A 60 -13.15 3.90 16.88
N ARG A 61 -13.64 3.44 18.02
CA ARG A 61 -13.69 1.99 18.31
C ARG A 61 -14.62 1.27 17.36
N GLU A 62 -15.78 1.88 17.08
CA GLU A 62 -16.74 1.33 16.11
C GLU A 62 -16.06 1.06 14.78
N LYS A 63 -15.25 2.03 14.35
CA LYS A 63 -14.52 1.94 13.09
C LYS A 63 -13.49 0.80 13.12
N VAL A 64 -12.69 0.76 14.17
CA VAL A 64 -11.68 -0.31 14.32
C VAL A 64 -12.30 -1.71 14.22
N MET A 65 -13.37 -1.95 14.97
CA MET A 65 -14.02 -3.26 14.97
C MET A 65 -14.63 -3.59 13.60
N ARG A 66 -15.22 -2.60 12.94
CA ARG A 66 -15.67 -2.77 11.55
C ARG A 66 -14.53 -3.10 10.59
N GLU A 67 -13.41 -2.40 10.73
CA GLU A 67 -12.27 -2.58 9.81
C GLU A 67 -11.66 -3.99 9.91
N VAL A 68 -11.56 -4.51 11.13
CA VAL A 68 -11.03 -5.88 11.30
C VAL A 68 -11.96 -6.93 10.66
N LYS A 69 -13.27 -6.80 10.87
CA LYS A 69 -14.26 -7.67 10.22
C LYS A 69 -14.19 -7.59 8.68
N ALA A 70 -14.00 -6.39 8.13
CA ALA A 70 -13.87 -6.21 6.69
C ALA A 70 -12.60 -6.89 6.14
N LEU A 71 -11.47 -6.63 6.80
CA LEU A 71 -10.19 -7.15 6.32
C LEU A 71 -10.14 -8.69 6.37
N ALA A 72 -10.82 -9.26 7.35
CA ALA A 72 -10.88 -10.73 7.52
C ALA A 72 -11.54 -11.46 6.34
N LYS A 73 -12.40 -10.76 5.60
CA LYS A 73 -13.10 -11.32 4.44
CA LYS A 73 -13.09 -11.37 4.45
C LYS A 73 -12.26 -11.31 3.16
N LEU A 74 -11.17 -10.57 3.18
CA LEU A 74 -10.40 -10.31 1.95
C LEU A 74 -9.36 -11.36 1.63
N GLU A 75 -9.37 -11.80 0.38
CA GLU A 75 -8.40 -12.76 -0.13
C GLU A 75 -8.03 -12.41 -1.57
N HIS A 76 -6.81 -11.94 -1.77
CA HIS A 76 -6.30 -11.59 -3.11
C HIS A 76 -4.78 -11.65 -3.09
N PRO A 77 -4.16 -12.10 -4.20
CA PRO A 77 -2.68 -12.22 -4.23
C PRO A 77 -1.94 -10.91 -3.87
N GLY A 78 -2.55 -9.77 -4.16
CA GLY A 78 -1.95 -8.46 -3.87
C GLY A 78 -2.40 -7.78 -2.58
N ILE A 79 -3.14 -8.50 -1.73
CA ILE A 79 -3.59 -7.95 -0.46
C ILE A 79 -2.96 -8.75 0.66
N VAL A 80 -2.46 -8.07 1.69
CA VAL A 80 -1.90 -8.73 2.89
C VAL A 80 -2.78 -9.88 3.37
N ARG A 81 -2.14 -11.02 3.67
CA ARG A 81 -2.87 -12.24 4.03
C ARG A 81 -3.22 -12.30 5.51
N TYR A 82 -4.50 -12.45 5.79
CA TYR A 82 -5.04 -12.48 7.15
C TYR A 82 -5.02 -13.88 7.76
N PHE A 83 -4.67 -13.96 9.05
CA PHE A 83 -4.77 -15.22 9.80
C PHE A 83 -5.73 -15.21 10.99
N ASN A 84 -5.59 -14.21 11.89
CA ASN A 84 -6.39 -14.18 13.13
CA ASN A 84 -6.37 -14.20 13.14
C ASN A 84 -6.49 -12.79 13.69
N ALA A 85 -7.53 -12.57 14.51
CA ALA A 85 -7.68 -11.34 15.26
C ALA A 85 -8.33 -11.71 16.58
N TRP A 86 -7.89 -11.06 17.65
CA TRP A 86 -8.45 -11.31 18.97
C TRP A 86 -8.26 -10.12 19.89
N LEU A 87 -8.98 -10.13 21.00
CA LEU A 87 -8.93 -9.06 21.98
C LEU A 87 -8.29 -9.53 23.29
N GLU A 88 -7.52 -8.64 23.91
CA GLU A 88 -6.99 -8.89 25.25
C GLU A 88 -7.28 -7.67 26.11
N ALA A 89 -7.70 -7.93 27.34
CA ALA A 89 -7.98 -6.86 28.31
C ALA A 89 -7.24 -7.15 29.61
N PRO A 90 -5.93 -6.83 29.65
CA PRO A 90 -5.13 -7.12 30.84
C PRO A 90 -5.52 -6.22 32.00
N PRO A 91 -5.52 -6.75 33.24
CA PRO A 91 -5.93 -5.98 34.43
C PRO A 91 -4.99 -4.82 34.72
N LYS A 104 -7.21 -0.58 29.60
CA LYS A 104 -6.66 -0.79 28.27
C LYS A 104 -7.16 -2.09 27.65
N VAL A 105 -7.72 -1.99 26.45
CA VAL A 105 -8.08 -3.15 25.65
C VAL A 105 -7.25 -3.15 24.36
N TYR A 106 -6.69 -4.30 24.02
CA TYR A 106 -5.88 -4.44 22.82
C TYR A 106 -6.55 -5.33 21.79
N LEU A 107 -6.51 -4.91 20.52
CA LEU A 107 -6.88 -5.79 19.41
C LEU A 107 -5.59 -6.22 18.70
N TYR A 108 -5.39 -7.53 18.66
CA TYR A 108 -4.26 -8.12 17.95
C TYR A 108 -4.74 -8.60 16.59
N ILE A 109 -3.95 -8.31 15.55
CA ILE A 109 -4.23 -8.78 14.19
C ILE A 109 -2.98 -9.47 13.66
N GLN A 110 -3.14 -10.73 13.28
CA GLN A 110 -2.06 -11.59 12.82
C GLN A 110 -2.13 -11.78 11.32
N MET A 111 -1.03 -11.43 10.64
CA MET A 111 -0.95 -11.46 9.17
C MET A 111 0.31 -12.17 8.72
N GLN A 112 0.36 -12.50 7.44
CA GLN A 112 1.57 -13.02 6.82
C GLN A 112 2.66 -11.95 6.84
N LEU A 113 3.85 -12.35 7.30
CA LEU A 113 5.00 -11.46 7.42
C LEU A 113 5.55 -11.08 6.04
N CYS A 114 5.67 -9.78 5.78
CA CYS A 114 6.33 -9.27 4.58
C CYS A 114 7.78 -8.88 4.89
N ARG A 115 8.56 -8.63 3.83
CA ARG A 115 9.94 -8.17 3.95
C ARG A 115 10.02 -6.81 4.63
N LYS A 116 11.15 -6.51 5.26
CA LYS A 116 11.33 -5.23 5.95
C LYS A 116 11.35 -4.01 5.02
N GLU A 117 11.95 -4.16 3.85
CA GLU A 117 12.00 -3.06 2.87
C GLU A 117 10.73 -2.98 2.03
N ASN A 118 9.96 -1.90 2.24
CA ASN A 118 8.74 -1.66 1.48
C ASN A 118 9.02 -0.96 0.15
N LEU A 119 7.97 -0.53 -0.55
CA LEU A 119 8.13 0.08 -1.88
C LEU A 119 8.91 1.41 -1.83
N LYS A 120 8.64 2.21 -0.79
CA LYS A 120 9.42 3.43 -0.54
C LYS A 120 10.91 3.12 -0.42
N ASP A 121 11.24 2.10 0.38
CA ASP A 121 12.64 1.69 0.57
C ASP A 121 13.23 1.17 -0.75
N TRP A 122 12.44 0.38 -1.47
CA TRP A 122 12.86 -0.23 -2.73
C TRP A 122 13.25 0.85 -3.74
N MET A 123 12.40 1.88 -3.84
CA MET A 123 12.67 3.00 -4.74
C MET A 123 13.88 3.83 -4.29
N ASN A 124 14.06 3.98 -2.98
CA ASN A 124 15.23 4.69 -2.44
C ASN A 124 16.54 3.94 -2.63
N GLY A 125 16.47 2.64 -2.95
CA GLY A 125 17.65 1.83 -3.23
C GLY A 125 17.90 1.65 -4.72
N ARG A 126 17.06 2.30 -5.53
CA ARG A 126 17.16 2.27 -6.98
C ARG A 126 17.06 3.68 -7.53
N CYS A 127 18.16 4.43 -7.43
CA CYS A 127 18.14 5.87 -7.70
C CYS A 127 18.64 6.25 -9.10
N THR A 128 18.75 5.26 -10.00
CA THR A 128 19.18 5.55 -11.38
C THR A 128 18.17 4.99 -12.37
N ILE A 129 18.12 5.58 -13.56
CA ILE A 129 17.19 5.15 -14.60
C ILE A 129 17.35 3.66 -14.98
N GLU A 130 18.60 3.18 -15.01
CA GLU A 130 18.91 1.78 -15.30
C GLU A 130 18.25 0.82 -14.28
N GLU A 131 18.06 1.32 -13.07
CA GLU A 131 17.46 0.55 -11.97
C GLU A 131 15.94 0.68 -11.91
N ARG A 132 15.37 1.39 -12.89
CA ARG A 132 13.92 1.50 -13.03
C ARG A 132 13.52 1.11 -14.46
N GLU A 133 13.93 -0.08 -14.90
CA GLU A 133 13.58 -0.52 -16.25
C GLU A 133 12.06 -0.55 -16.39
N ARG A 134 11.57 -0.02 -17.51
CA ARG A 134 10.13 0.15 -17.76
C ARG A 134 9.29 -1.08 -17.38
N SER A 135 9.67 -2.25 -17.88
CA SER A 135 8.85 -3.45 -17.66
C SER A 135 8.79 -3.89 -16.20
N VAL A 136 9.90 -3.74 -15.48
CA VAL A 136 9.93 -4.02 -14.04
C VAL A 136 8.98 -3.10 -13.29
N CYS A 137 9.06 -1.80 -13.58
CA CYS A 137 8.20 -0.79 -12.97
C CYS A 137 6.72 -1.02 -13.25
N LEU A 138 6.42 -1.37 -14.49
CA LEU A 138 5.04 -1.61 -14.90
C LEU A 138 4.47 -2.88 -14.26
N HIS A 139 5.33 -3.90 -14.09
CA HIS A 139 4.98 -5.16 -13.42
C HIS A 139 4.60 -4.92 -11.96
N ILE A 140 5.40 -4.10 -11.28
CA ILE A 140 5.10 -3.71 -9.91
C ILE A 140 3.83 -2.87 -9.86
N PHE A 141 3.73 -1.87 -10.74
CA PHE A 141 2.53 -1.02 -10.75
C PHE A 141 1.26 -1.81 -11.04
N LEU A 142 1.32 -2.71 -12.02
CA LEU A 142 0.16 -3.54 -12.36
C LEU A 142 -0.37 -4.31 -11.14
N GLN A 143 0.52 -4.88 -10.35
CA GLN A 143 0.13 -5.61 -9.14
C GLN A 143 -0.58 -4.70 -8.13
N ILE A 144 -0.08 -3.47 -7.96
CA ILE A 144 -0.74 -2.47 -7.11
C ILE A 144 -2.13 -2.15 -7.63
N ALA A 145 -2.24 -1.83 -8.92
CA ALA A 145 -3.53 -1.51 -9.55
C ALA A 145 -4.53 -2.68 -9.47
N GLU A 146 -4.03 -3.92 -9.58
CA GLU A 146 -4.88 -5.10 -9.49
C GLU A 146 -5.45 -5.29 -8.09
N ALA A 147 -4.63 -5.01 -7.07
CA ALA A 147 -5.07 -5.00 -5.67
C ALA A 147 -6.16 -3.94 -5.45
N VAL A 148 -5.98 -2.76 -6.05
CA VAL A 148 -6.95 -1.67 -5.93
C VAL A 148 -8.26 -2.04 -6.64
N GLU A 149 -8.15 -2.60 -7.85
CA GLU A 149 -9.33 -3.05 -8.60
C GLU A 149 -10.11 -4.09 -7.79
N PHE A 150 -9.38 -4.97 -7.12
CA PHE A 150 -10.01 -5.98 -6.27
C PHE A 150 -10.86 -5.30 -5.18
N LEU A 151 -10.27 -4.36 -4.45
CA LEU A 151 -10.99 -3.65 -3.40
C LEU A 151 -12.23 -2.97 -3.94
N HIS A 152 -12.08 -2.26 -5.06
CA HIS A 152 -13.19 -1.55 -5.68
C HIS A 152 -14.29 -2.49 -6.15
N SER A 153 -13.91 -3.67 -6.64
CA SER A 153 -14.90 -4.67 -7.06
C SER A 153 -15.71 -5.21 -5.87
N LYS A 154 -15.15 -5.08 -4.67
CA LYS A 154 -15.84 -5.48 -3.43
C LYS A 154 -16.61 -4.32 -2.81
N GLY A 155 -16.64 -3.18 -3.50
CA GLY A 155 -17.27 -1.97 -2.99
C GLY A 155 -16.50 -1.38 -1.83
N LEU A 156 -15.18 -1.62 -1.81
CA LEU A 156 -14.30 -1.06 -0.81
C LEU A 156 -13.34 -0.05 -1.46
N MET A 157 -12.62 0.69 -0.62
CA MET A 157 -11.53 1.53 -1.13
C MET A 157 -10.39 1.55 -0.13
N HIS A 158 -9.21 1.97 -0.57
CA HIS A 158 -8.07 2.02 0.32
C HIS A 158 -8.05 3.31 1.13
N ARG A 159 -8.07 4.45 0.44
CA ARG A 159 -8.11 5.81 1.03
C ARG A 159 -6.73 6.37 1.40
N ASN A 160 -5.76 5.49 1.62
CA ASN A 160 -4.43 5.92 2.05
C ASN A 160 -3.31 5.22 1.29
N LEU A 161 -3.53 5.05 -0.02
CA LEU A 161 -2.55 4.38 -0.86
C LEU A 161 -1.30 5.23 -1.05
N LYS A 162 -0.14 4.62 -0.81
CA LYS A 162 1.16 5.30 -0.84
C LYS A 162 2.25 4.22 -0.72
N PRO A 163 3.49 4.52 -1.17
CA PRO A 163 4.56 3.49 -1.13
C PRO A 163 4.84 2.90 0.25
N SER A 164 4.59 3.66 1.32
CA SER A 164 4.81 3.14 2.68
C SER A 164 3.71 2.17 3.13
N ASN A 165 2.67 2.02 2.31
CA ASN A 165 1.61 1.02 2.53
C ASN A 165 1.67 -0.13 1.51
N ILE A 166 2.82 -0.26 0.86
CA ILE A 166 3.01 -1.27 -0.19
C ILE A 166 4.30 -2.02 0.11
N PHE A 167 4.16 -3.29 0.45
CA PHE A 167 5.28 -4.14 0.86
C PHE A 167 5.41 -5.31 -0.12
N PHE A 168 6.38 -6.18 0.14
CA PHE A 168 6.64 -7.35 -0.69
C PHE A 168 6.68 -8.60 0.18
N THR A 169 6.17 -9.72 -0.37
CA THR A 169 6.37 -11.01 0.25
C THR A 169 7.83 -11.42 0.12
N MET A 170 8.17 -12.51 0.79
CA MET A 170 9.52 -13.08 0.71
C MET A 170 9.95 -13.41 -0.73
N ASP A 171 8.97 -13.58 -1.63
CA ASP A 171 9.21 -13.87 -3.04
CA ASP A 171 9.33 -13.82 -3.03
C ASP A 171 8.89 -12.67 -3.95
N ASP A 172 8.95 -11.46 -3.40
CA ASP A 172 8.73 -10.21 -4.16
C ASP A 172 7.34 -10.00 -4.75
N VAL A 173 6.34 -10.72 -4.27
CA VAL A 173 4.96 -10.42 -4.64
C VAL A 173 4.51 -9.16 -3.90
N VAL A 174 3.95 -8.21 -4.65
CA VAL A 174 3.49 -6.94 -4.08
C VAL A 174 2.28 -7.19 -3.15
N LYS A 175 2.32 -6.58 -1.96
CA LYS A 175 1.21 -6.65 -1.01
C LYS A 175 0.77 -5.26 -0.56
N VAL A 176 -0.51 -4.96 -0.76
CA VAL A 176 -1.11 -3.69 -0.35
C VAL A 176 -1.86 -3.90 0.97
N GLY A 177 -1.75 -2.93 1.87
CA GLY A 177 -2.45 -2.99 3.15
C GLY A 177 -2.45 -1.62 3.80
N ASP A 178 -2.82 -1.58 5.07
CA ASP A 178 -2.69 -0.40 5.90
C ASP A 178 -1.66 -0.76 6.97
N PHE A 179 -0.40 -0.53 6.65
CA PHE A 179 0.68 -1.10 7.46
C PHE A 179 0.88 -0.38 8.79
N GLY A 180 0.85 0.95 8.77
CA GLY A 180 0.97 1.74 10.00
C GLY A 180 2.33 1.58 10.67
N LEU A 181 3.38 1.59 9.85
CA LEU A 181 4.75 1.64 10.34
C LEU A 181 5.28 3.03 10.02
N VAL A 182 5.07 3.96 10.95
CA VAL A 182 5.44 5.36 10.76
C VAL A 182 6.93 5.54 11.06
N THR A 183 7.66 6.05 10.06
CA THR A 183 9.11 6.21 10.14
C THR A 183 9.50 7.67 10.32
N THR A 210 2.30 11.54 5.45
CA THR A 210 2.41 12.32 4.22
C THR A 210 1.08 12.49 3.51
N LYS A 211 0.88 13.65 2.91
CA LYS A 211 -0.30 13.92 2.09
C LYS A 211 0.02 14.02 0.60
N LEU A 212 1.26 13.69 0.23
CA LEU A 212 1.69 13.80 -1.17
C LEU A 212 0.88 12.97 -2.15
N TYR A 213 0.37 11.82 -1.73
CA TYR A 213 -0.38 10.90 -2.60
C TYR A 213 -1.91 11.02 -2.44
N MET A 214 -2.31 11.94 -1.58
CA MET A 214 -3.72 12.08 -1.21
C MET A 214 -4.48 12.95 -2.20
N SER A 215 -5.66 12.50 -2.59
CA SER A 215 -6.53 13.24 -3.51
C SER A 215 -6.87 14.65 -3.00
N PRO A 216 -7.07 15.61 -3.93
CA PRO A 216 -7.45 16.97 -3.52
C PRO A 216 -8.72 16.99 -2.66
N GLU A 217 -9.69 16.13 -2.98
CA GLU A 217 -10.95 16.12 -2.24
C GLU A 217 -10.77 15.70 -0.78
N GLN A 218 -9.85 14.77 -0.53
CA GLN A 218 -9.52 14.36 0.85
C GLN A 218 -8.75 15.43 1.61
N ILE A 219 -7.74 16.02 0.98
CA ILE A 219 -6.97 17.11 1.60
C ILE A 219 -7.88 18.25 2.07
N HIS A 220 -8.90 18.56 1.27
CA HIS A 220 -9.85 19.63 1.59
C HIS A 220 -10.93 19.21 2.59
N GLY A 221 -10.95 17.93 2.98
CA GLY A 221 -11.95 17.42 3.92
C GLY A 221 -13.35 17.33 3.33
N ASN A 222 -13.42 17.13 2.01
CA ASN A 222 -14.69 17.00 1.32
C ASN A 222 -15.10 15.54 1.22
N SER A 223 -16.35 15.28 0.87
CA SER A 223 -16.80 13.91 0.61
C SER A 223 -16.08 13.37 -0.61
N TYR A 224 -16.05 12.05 -0.74
CA TYR A 224 -15.23 11.41 -1.77
C TYR A 224 -15.76 10.03 -2.12
N SER A 225 -15.16 9.43 -3.15
CA SER A 225 -15.54 8.11 -3.63
C SER A 225 -14.27 7.28 -3.86
N HIS A 226 -14.43 6.06 -4.38
CA HIS A 226 -13.29 5.18 -4.67
C HIS A 226 -12.26 5.82 -5.60
N LYS A 227 -12.66 6.87 -6.32
CA LYS A 227 -11.76 7.59 -7.22
C LYS A 227 -10.54 8.20 -6.53
N VAL A 228 -10.61 8.34 -5.20
CA VAL A 228 -9.45 8.82 -4.43
C VAL A 228 -8.24 7.92 -4.64
N ASP A 229 -8.48 6.61 -4.78
CA ASP A 229 -7.39 5.64 -4.94
C ASP A 229 -6.71 5.76 -6.30
N ILE A 230 -7.49 6.18 -7.30
CA ILE A 230 -6.95 6.38 -8.67
C ILE A 230 -5.94 7.54 -8.70
N PHE A 231 -6.26 8.62 -8.00
CA PHE A 231 -5.33 9.75 -7.85
C PHE A 231 -4.00 9.28 -7.24
N SER A 232 -4.08 8.50 -6.16
CA SER A 232 -2.86 7.96 -5.53
C SER A 232 -2.06 7.09 -6.50
N LEU A 233 -2.75 6.22 -7.24
CA LEU A 233 -2.13 5.37 -8.25
C LEU A 233 -1.36 6.16 -9.32
N GLY A 234 -1.92 7.29 -9.74
CA GLY A 234 -1.28 8.15 -10.73
C GLY A 234 0.10 8.60 -10.30
N LEU A 235 0.21 9.07 -9.06
CA LEU A 235 1.47 9.56 -8.54
CA LEU A 235 1.47 9.57 -8.53
C LEU A 235 2.47 8.43 -8.33
N ILE A 236 1.96 7.27 -7.91
CA ILE A 236 2.81 6.08 -7.71
C ILE A 236 3.40 5.60 -9.05
N LEU A 237 2.58 5.59 -10.10
CA LEU A 237 3.07 5.21 -11.42
C LEU A 237 4.21 6.13 -11.86
N PHE A 238 4.01 7.44 -11.72
CA PHE A 238 5.07 8.38 -12.06
C PHE A 238 6.33 8.10 -11.24
N GLU A 239 6.16 7.95 -9.93
CA GLU A 239 7.30 7.80 -9.03
C GLU A 239 8.11 6.54 -9.30
N LEU A 240 7.43 5.45 -9.66
CA LEU A 240 8.11 4.21 -10.05
C LEU A 240 9.01 4.38 -11.27
N LEU A 241 8.55 5.17 -12.24
CA LEU A 241 9.30 5.37 -13.49
C LEU A 241 10.40 6.42 -13.40
N TYR A 242 10.29 7.32 -12.43
CA TYR A 242 11.17 8.48 -12.34
C TYR A 242 11.99 8.47 -11.03
N PRO A 243 13.25 8.00 -11.08
CA PRO A 243 14.05 7.91 -9.86
C PRO A 243 14.59 9.26 -9.38
N PHE A 244 14.75 9.39 -8.06
CA PHE A 244 15.26 10.60 -7.44
C PHE A 244 16.60 10.37 -6.73
N SER A 245 17.39 11.44 -6.65
CA SER A 245 18.70 11.46 -5.97
C SER A 245 18.65 12.11 -4.59
N THR A 246 17.64 12.93 -4.34
CA THR A 246 17.47 13.62 -3.05
C THR A 246 16.00 13.68 -2.64
N GLN A 247 15.74 13.81 -1.34
CA GLN A 247 14.38 14.00 -0.84
C GLN A 247 13.79 15.32 -1.34
N MET A 248 14.62 16.37 -1.37
CA MET A 248 14.20 17.68 -1.86
C MET A 248 13.71 17.62 -3.30
N GLU A 249 14.46 16.94 -4.16
CA GLU A 249 14.09 16.74 -5.55
C GLU A 249 12.77 15.97 -5.65
N ARG A 250 12.63 14.91 -4.85
CA ARG A 250 11.41 14.10 -4.82
C ARG A 250 10.18 14.95 -4.47
N VAL A 251 10.27 15.72 -3.39
CA VAL A 251 9.13 16.51 -2.92
C VAL A 251 8.74 17.56 -3.97
N ARG A 252 9.73 18.27 -4.50
CA ARG A 252 9.52 19.29 -5.51
C ARG A 252 8.83 18.72 -6.76
N THR A 253 9.35 17.59 -7.27
CA THR A 253 8.84 16.98 -8.49
C THR A 253 7.44 16.38 -8.32
N LEU A 254 7.21 15.63 -7.24
CA LEU A 254 5.89 15.05 -6.98
C LEU A 254 4.82 16.13 -6.77
N THR A 255 5.19 17.23 -6.11
CA THR A 255 4.28 18.37 -5.96
C THR A 255 3.90 18.96 -7.31
N ASP A 256 4.89 19.15 -8.19
CA ASP A 256 4.63 19.59 -9.55
C ASP A 256 3.74 18.61 -10.34
N VAL A 257 4.03 17.32 -10.23
CA VAL A 257 3.26 16.28 -10.92
C VAL A 257 1.79 16.27 -10.48
N ARG A 258 1.55 16.41 -9.17
CA ARG A 258 0.19 16.62 -8.63
C ARG A 258 -0.57 17.70 -9.40
N ASN A 259 0.13 18.77 -9.74
CA ASN A 259 -0.45 19.89 -10.48
C ASN A 259 -0.28 19.76 -11.99
N LEU A 260 -0.02 18.52 -12.44
CA LEU A 260 0.12 18.17 -13.86
C LEU A 260 1.26 18.91 -14.57
N LYS A 261 2.33 19.18 -13.82
CA LYS A 261 3.56 19.73 -14.37
C LYS A 261 4.62 18.65 -14.33
N PHE A 262 5.00 18.16 -15.50
CA PHE A 262 5.87 16.99 -15.63
C PHE A 262 7.25 17.39 -16.12
N PRO A 263 8.30 16.67 -15.66
CA PRO A 263 9.63 16.85 -16.25
C PRO A 263 9.58 16.47 -17.73
N PRO A 264 10.07 17.37 -18.62
CA PRO A 264 10.04 17.13 -20.07
C PRO A 264 10.61 15.76 -20.49
N LEU A 265 11.68 15.32 -19.83
CA LEU A 265 12.32 14.05 -20.19
C LEU A 265 11.46 12.82 -19.84
N PHE A 266 10.55 12.96 -18.89
CA PHE A 266 9.57 11.91 -18.60
C PHE A 266 8.52 11.81 -19.70
N THR A 267 7.95 12.94 -20.10
CA THR A 267 6.92 12.98 -21.14
C THR A 267 7.43 12.42 -22.47
N GLN A 268 8.72 12.64 -22.74
CA GLN A 268 9.35 12.17 -23.97
C GLN A 268 9.69 10.68 -23.94
N LYS A 269 10.22 10.21 -22.82
CA LYS A 269 10.59 8.80 -22.67
C LYS A 269 9.36 7.90 -22.53
N TYR A 270 8.34 8.37 -21.82
CA TYR A 270 7.16 7.56 -21.52
C TYR A 270 5.85 8.24 -21.95
N PRO A 271 5.63 8.40 -23.26
CA PRO A 271 4.44 9.12 -23.74
C PRO A 271 3.10 8.47 -23.34
N CYS A 272 3.05 7.14 -23.31
CA CYS A 272 1.83 6.41 -22.97
C CYS A 272 1.48 6.51 -21.48
N GLU A 273 2.51 6.36 -20.65
CA GLU A 273 2.34 6.41 -19.19
C GLU A 273 2.04 7.83 -18.74
N TYR A 274 2.65 8.81 -19.43
CA TYR A 274 2.38 10.22 -19.22
C TYR A 274 0.90 10.54 -19.36
N VAL A 275 0.28 10.02 -20.41
CA VAL A 275 -1.16 10.20 -20.64
C VAL A 275 -1.98 9.53 -19.53
N MET A 276 -1.58 8.32 -19.14
CA MET A 276 -2.25 7.58 -18.06
C MET A 276 -2.18 8.32 -16.73
N VAL A 277 -1.00 8.82 -16.38
CA VAL A 277 -0.82 9.60 -15.13
C VAL A 277 -1.67 10.87 -15.16
N GLN A 278 -1.64 11.59 -16.28
CA GLN A 278 -2.48 12.77 -16.48
C GLN A 278 -3.95 12.49 -16.16
N ASP A 279 -4.47 11.39 -16.71
CA ASP A 279 -5.86 11.00 -16.53
C ASP A 279 -6.17 10.64 -15.07
N MET A 280 -5.28 9.85 -14.46
CA MET A 280 -5.44 9.43 -13.06
C MET A 280 -5.39 10.61 -12.09
N LEU A 281 -4.64 11.64 -12.45
CA LEU A 281 -4.50 12.83 -11.60
C LEU A 281 -5.49 13.97 -11.92
N SER A 282 -6.56 13.66 -12.66
CA SER A 282 -7.60 14.65 -12.93
C SER A 282 -8.12 15.24 -11.61
N PRO A 283 -8.19 16.58 -11.51
CA PRO A 283 -8.79 17.22 -10.33
C PRO A 283 -10.22 16.74 -10.08
N SER A 284 -10.99 16.57 -11.14
CA SER A 284 -12.35 16.05 -11.06
C SER A 284 -12.32 14.53 -10.93
N PRO A 285 -12.83 13.99 -9.81
CA PRO A 285 -12.81 12.54 -9.58
C PRO A 285 -13.54 11.76 -10.69
N MET A 286 -14.63 12.32 -11.20
CA MET A 286 -15.40 11.74 -12.31
C MET A 286 -14.57 11.49 -13.57
N GLU A 287 -13.53 12.31 -13.77
CA GLU A 287 -12.71 12.26 -14.98
C GLU A 287 -11.59 11.23 -14.89
N ARG A 288 -11.31 10.74 -13.69
CA ARG A 288 -10.31 9.69 -13.47
C ARG A 288 -10.85 8.35 -13.94
N PRO A 289 -10.00 7.53 -14.59
CA PRO A 289 -10.41 6.21 -15.05
C PRO A 289 -10.68 5.24 -13.90
N GLU A 290 -11.51 4.24 -14.14
CA GLU A 290 -11.67 3.14 -13.19
C GLU A 290 -10.42 2.27 -13.22
N ALA A 291 -10.13 1.59 -12.11
CA ALA A 291 -8.96 0.72 -12.00
C ALA A 291 -8.94 -0.36 -13.10
N ILE A 292 -10.11 -0.93 -13.40
CA ILE A 292 -10.23 -1.94 -14.45
C ILE A 292 -9.75 -1.42 -15.83
N ASN A 293 -10.01 -0.15 -16.11
CA ASN A 293 -9.58 0.45 -17.37
C ASN A 293 -8.08 0.71 -17.41
N ILE A 294 -7.50 1.01 -16.25
CA ILE A 294 -6.04 1.13 -16.12
C ILE A 294 -5.39 -0.22 -16.38
N ILE A 295 -5.86 -1.27 -15.71
CA ILE A 295 -5.31 -2.63 -15.84
CA ILE A 295 -5.22 -2.59 -15.87
C ILE A 295 -5.36 -3.17 -17.27
N GLU A 296 -6.39 -2.76 -18.02
CA GLU A 296 -6.57 -3.23 -19.39
C GLU A 296 -5.76 -2.43 -20.42
N ASN A 297 -5.04 -1.40 -19.98
CA ASN A 297 -4.20 -0.60 -20.87
C ASN A 297 -3.13 -1.42 -21.58
N ALA A 298 -2.88 -1.08 -22.84
CA ALA A 298 -1.94 -1.81 -23.69
C ALA A 298 -0.52 -1.89 -23.16
N VAL A 299 -0.11 -0.92 -22.33
CA VAL A 299 1.26 -0.92 -21.78
C VAL A 299 1.57 -2.15 -20.90
N PHE A 300 0.52 -2.80 -20.38
CA PHE A 300 0.70 -3.92 -19.46
C PHE A 300 0.70 -5.29 -20.12
N GLU A 301 0.71 -5.32 -21.44
CA GLU A 301 0.68 -6.57 -22.17
C GLU A 301 2.06 -7.16 -22.37
N ASP A 302 2.17 -8.47 -22.13
CA ASP A 302 3.39 -9.25 -22.34
C ASP A 302 4.64 -8.68 -21.63
N LEU A 303 4.45 -8.19 -20.41
CA LEU A 303 5.56 -7.64 -19.62
C LEU A 303 6.58 -8.75 -19.30
N ASP A 304 7.85 -8.46 -19.56
CA ASP A 304 8.92 -9.40 -19.29
C ASP A 304 10.22 -8.65 -18.99
N PHE A 305 11.08 -9.28 -18.18
CA PHE A 305 12.42 -8.77 -17.91
C PHE A 305 13.33 -9.91 -17.49
N PRO A 306 14.66 -9.78 -17.72
CA PRO A 306 15.51 -10.87 -17.28
C PRO A 306 15.42 -11.07 -15.77
N GLY A 307 15.13 -12.30 -15.36
CA GLY A 307 14.94 -12.65 -13.96
C GLY A 307 13.50 -12.80 -13.51
N LYS A 308 12.55 -12.36 -14.34
CA LYS A 308 11.12 -12.44 -14.01
C LYS A 308 10.71 -13.88 -13.77
N THR A 309 9.88 -14.10 -12.74
CA THR A 309 9.39 -15.45 -12.42
C THR A 309 8.63 -16.06 -13.60
N VAL A 310 8.97 -17.31 -13.93
CA VAL A 310 8.37 -18.02 -15.06
C VAL A 310 6.99 -18.58 -14.69
#